data_7JYQ
#
_entry.id   7JYQ
#
_cell.length_a   44.446
_cell.length_b   57.337
_cell.length_c   60.965
_cell.angle_alpha   90.000
_cell.angle_beta   110.554
_cell.angle_gamma   90.000
#
_symmetry.space_group_name_H-M   'P 1 21 1'
#
loop_
_entity.id
_entity.type
_entity.pdbx_description
1 polymer 'Tyrosine-protein kinase JAK2'
2 non-polymer GLYCEROL
3 non-polymer N~2~-(4-fluorophenyl)-6-{[(5-{[(oxolan-2-yl)methyl]amino}-1,3,4-thiadiazol-2-yl)sulfanyl]methyl}-1,3,5-triazine-2,4-diamine
4 water water
#
_entity_poly.entity_id   1
_entity_poly.type   'polypeptide(L)'
_entity_poly.pdbx_seq_one_letter_code
;VFHKIRNEDLIFNESLGQGTFTKIFKGVRREVGDYGQLHETEVLLKVLDKAHRNYSESFFEAASMMSKLSHKHLVLNYGV
CVCGDENILVQEFVKFGSLDTYLKKNKNCINILWKLEVAKQLAAAMHFLEENTLIHGNVCAKNILLIREEDRKTGNPPFI
KLSDPGISITVLPKDILQERIPWVPPECIENPKNLNLATDKWSFGTTLWEICSGGDKPLSALDSQRKLQFYEDRHQLPAP
KAAELANLINNCMDYEPDHRPSFRAIIRDLNSLFTPDLVPRGSHHHHHH
;
_entity_poly.pdbx_strand_id   A
#
# COMPACT_ATOMS: atom_id res chain seq x y z
N PHE A 2 12.32 -14.38 7.35
CA PHE A 2 10.94 -14.61 7.79
C PHE A 2 10.81 -15.91 8.59
N HIS A 3 10.14 -15.83 9.74
CA HIS A 3 9.82 -17.02 10.52
C HIS A 3 8.96 -17.98 9.70
N LYS A 4 9.23 -19.28 9.83
CA LYS A 4 8.50 -20.30 9.08
C LYS A 4 7.34 -20.84 9.90
N ILE A 5 6.14 -20.80 9.32
CA ILE A 5 4.93 -21.27 9.98
C ILE A 5 4.47 -22.54 9.29
N ARG A 6 4.08 -23.54 10.08
CA ARG A 6 3.64 -24.82 9.54
C ARG A 6 2.23 -24.71 9.01
N ASN A 7 1.98 -25.36 7.86
CA ASN A 7 0.64 -25.40 7.27
C ASN A 7 -0.38 -25.97 8.24
N GLU A 8 0.05 -26.89 9.13
CA GLU A 8 -0.87 -27.48 10.08
C GLU A 8 -1.37 -26.48 11.11
N ASP A 9 -0.66 -25.37 11.30
CA ASP A 9 -1.09 -24.38 12.28
C ASP A 9 -1.96 -23.30 11.67
N LEU A 10 -2.30 -23.41 10.39
CA LEU A 10 -3.09 -22.41 9.68
C LEU A 10 -4.42 -23.00 9.23
N ILE A 11 -5.49 -22.24 9.43
CA ILE A 11 -6.82 -22.59 8.93
C ILE A 11 -7.21 -21.50 7.93
N PHE A 12 -7.56 -21.89 6.71
CA PHE A 12 -8.01 -20.92 5.72
C PHE A 12 -9.52 -20.75 5.81
N ASN A 13 -9.96 -19.50 5.93
CA ASN A 13 -11.38 -19.20 5.86
C ASN A 13 -11.70 -18.36 4.63
N GLU A 14 -12.52 -17.32 4.76
CA GLU A 14 -13.15 -16.77 3.56
C GLU A 14 -12.17 -16.01 2.68
N SER A 15 -12.42 -16.04 1.38
CA SER A 15 -11.65 -15.22 0.46
C SER A 15 -11.96 -13.76 0.69
N LEU A 16 -10.93 -12.93 0.67
CA LEU A 16 -11.09 -11.48 0.76
C LEU A 16 -10.67 -10.80 -0.53
N GLY A 17 -10.51 -11.54 -1.61
CA GLY A 17 -10.22 -10.93 -2.89
C GLY A 17 -8.92 -11.42 -3.46
N GLN A 18 -8.33 -10.63 -4.36
CA GLN A 18 -7.09 -11.03 -4.99
C GLN A 18 -6.22 -9.81 -5.27
N GLY A 19 -4.91 -10.04 -5.24
CA GLY A 19 -3.94 -9.11 -5.72
C GLY A 19 -3.28 -9.60 -7.00
N THR A 20 -2.13 -9.03 -7.32
CA THR A 20 -1.45 -9.38 -8.55
C THR A 20 -0.80 -10.75 -8.38
N PHE A 21 -1.35 -11.74 -9.07
CA PHE A 21 -0.89 -13.13 -9.00
C PHE A 21 -1.05 -13.72 -7.60
N THR A 22 -1.98 -13.20 -6.81
CA THR A 22 -2.21 -13.70 -5.45
C THR A 22 -3.69 -13.82 -5.18
N LYS A 23 -4.02 -14.64 -4.18
CA LYS A 23 -5.36 -14.71 -3.62
C LYS A 23 -5.25 -14.46 -2.11
N ILE A 24 -6.22 -13.74 -1.55
CA ILE A 24 -6.17 -13.26 -0.18
C ILE A 24 -7.28 -13.92 0.62
N PHE A 25 -6.95 -14.40 1.82
CA PHE A 25 -7.92 -15.10 2.67
C PHE A 25 -7.82 -14.61 4.11
N LYS A 26 -8.97 -14.56 4.77
CA LYS A 26 -8.95 -14.50 6.23
C LYS A 26 -8.60 -15.88 6.77
N GLY A 27 -7.83 -15.94 7.86
CA GLY A 27 -7.50 -17.24 8.40
C GLY A 27 -7.29 -17.20 9.90
N VAL A 28 -6.91 -18.35 10.45
CA VAL A 28 -6.57 -18.49 11.87
C VAL A 28 -5.23 -19.18 11.97
N ARG A 29 -4.36 -18.68 12.84
CA ARG A 29 -3.09 -19.33 13.13
C ARG A 29 -3.12 -19.80 14.58
N ARG A 30 -2.88 -21.09 14.79
CA ARG A 30 -2.70 -21.62 16.13
C ARG A 30 -1.25 -21.44 16.54
N GLU A 31 -1.02 -20.87 17.72
CA GLU A 31 0.35 -20.58 18.10
C GLU A 31 0.47 -20.57 19.61
N VAL A 32 1.70 -20.76 20.08
CA VAL A 32 2.04 -20.51 21.48
C VAL A 32 2.53 -19.08 21.58
N GLY A 33 1.88 -18.28 22.42
CA GLY A 33 2.24 -16.89 22.63
C GLY A 33 3.07 -16.70 23.88
N ASP A 34 3.08 -15.44 24.35
CA ASP A 34 3.82 -15.11 25.55
C ASP A 34 3.31 -15.88 26.75
N TYR A 35 4.24 -16.18 27.66
CA TYR A 35 3.97 -16.97 28.86
C TYR A 35 3.54 -18.39 28.54
N GLY A 36 3.78 -18.84 27.31
CA GLY A 36 3.34 -20.18 26.93
C GLY A 36 1.84 -20.33 26.73
N GLN A 37 1.10 -19.24 26.64
CA GLN A 37 -0.34 -19.30 26.41
C GLN A 37 -0.64 -19.67 24.97
N LEU A 38 -1.62 -20.56 24.79
CA LEU A 38 -2.08 -20.94 23.46
C LEU A 38 -3.08 -19.91 22.92
N HIS A 39 -2.91 -19.56 21.64
CA HIS A 39 -3.75 -18.57 20.98
C HIS A 39 -4.26 -19.13 19.66
N GLU A 40 -5.45 -18.69 19.27
CA GLU A 40 -5.94 -18.89 17.91
C GLU A 40 -6.12 -17.48 17.34
N THR A 41 -5.14 -17.06 16.55
CA THR A 41 -4.96 -15.66 16.17
C THR A 41 -5.51 -15.42 14.77
N GLU A 42 -6.36 -14.40 14.64
CA GLU A 42 -6.84 -14.04 13.31
C GLU A 42 -5.68 -13.53 12.47
N VAL A 43 -5.57 -14.05 11.23
CA VAL A 43 -4.48 -13.66 10.34
C VAL A 43 -5.04 -13.35 8.95
N LEU A 44 -4.24 -12.60 8.19
CA LEU A 44 -4.45 -12.37 6.77
C LEU A 44 -3.45 -13.24 6.02
N LEU A 45 -3.96 -14.09 5.11
CA LEU A 45 -3.12 -15.03 4.37
C LEU A 45 -3.08 -14.60 2.92
N LYS A 46 -1.89 -14.30 2.40
CA LYS A 46 -1.72 -13.93 1.00
C LYS A 46 -1.05 -15.11 0.30
N VAL A 47 -1.72 -15.68 -0.68
CA VAL A 47 -1.28 -16.91 -1.33
C VAL A 47 -0.85 -16.60 -2.76
N LEU A 48 0.42 -16.83 -3.06
CA LEU A 48 0.90 -16.69 -4.44
C LEU A 48 0.27 -17.78 -5.30
N ASP A 49 -0.24 -17.38 -6.47
CA ASP A 49 -0.83 -18.36 -7.37
C ASP A 49 0.20 -19.44 -7.71
N LYS A 50 -0.22 -20.70 -7.62
CA LYS A 50 0.69 -21.81 -7.95
C LYS A 50 1.24 -21.66 -9.36
N ALA A 51 0.43 -21.20 -10.30
CA ALA A 51 0.90 -21.02 -11.68
C ALA A 51 1.98 -19.96 -11.79
N HIS A 52 2.18 -19.13 -10.77
CA HIS A 52 3.13 -18.03 -10.82
C HIS A 52 4.23 -18.21 -9.79
N ARG A 53 4.51 -19.46 -9.44
CA ARG A 53 5.52 -19.78 -8.43
C ARG A 53 6.88 -19.17 -8.72
N ASN A 54 7.17 -18.84 -9.99
CA ASN A 54 8.45 -18.24 -10.31
C ASN A 54 8.58 -16.81 -9.80
N TYR A 55 7.50 -16.19 -9.32
CA TYR A 55 7.58 -14.88 -8.69
C TYR A 55 7.79 -14.96 -7.19
N SER A 56 8.03 -16.16 -6.63
CA SER A 56 7.99 -16.30 -5.18
C SER A 56 9.06 -15.46 -4.51
N GLU A 57 10.25 -15.37 -5.12
CA GLU A 57 11.32 -14.56 -4.52
C GLU A 57 10.91 -13.09 -4.44
N SER A 58 10.33 -12.55 -5.51
CA SER A 58 9.89 -11.16 -5.48
C SER A 58 8.69 -10.99 -4.56
N PHE A 59 7.81 -11.99 -4.51
CA PHE A 59 6.64 -11.96 -3.65
C PHE A 59 7.03 -11.76 -2.18
N PHE A 60 8.13 -12.39 -1.75
CA PHE A 60 8.56 -12.32 -0.36
C PHE A 60 9.55 -11.20 -0.06
N GLU A 61 10.30 -10.71 -1.06
CA GLU A 61 11.48 -9.89 -0.86
C GLU A 61 11.26 -8.56 -0.14
N ALA A 62 10.58 -7.62 -0.80
CA ALA A 62 10.41 -6.28 -0.21
C ALA A 62 9.62 -6.34 1.10
N ALA A 63 8.55 -7.15 1.12
CA ALA A 63 7.89 -7.54 2.37
C ALA A 63 8.88 -7.90 3.48
N SER A 64 9.83 -8.79 3.16
CA SER A 64 10.83 -9.16 4.16
C SER A 64 11.68 -7.97 4.58
N MET A 65 12.13 -7.18 3.61
CA MET A 65 12.97 -6.03 3.97
C MET A 65 12.18 -5.03 4.79
N MET A 66 10.93 -4.78 4.41
N MET A 66 10.93 -4.78 4.41
CA MET A 66 10.01 -3.97 5.22
CA MET A 66 10.04 -3.95 5.22
C MET A 66 9.92 -4.51 6.64
C MET A 66 9.89 -4.51 6.64
N SER A 67 9.76 -5.83 6.77
CA SER A 67 9.62 -6.45 8.09
C SER A 67 10.93 -6.47 8.88
N LYS A 68 12.07 -6.20 8.25
CA LYS A 68 13.28 -6.02 9.04
C LYS A 68 13.30 -4.70 9.80
N LEU A 69 12.41 -3.77 9.47
CA LEU A 69 12.20 -2.55 10.24
C LEU A 69 10.84 -2.61 10.93
N SER A 70 10.81 -2.22 12.20
CA SER A 70 9.58 -2.17 12.97
C SER A 70 9.13 -0.72 13.06
N HIS A 71 7.84 -0.48 12.83
CA HIS A 71 7.32 0.87 12.94
C HIS A 71 5.81 0.80 13.13
N LYS A 72 5.28 1.73 13.93
CA LYS A 72 3.85 1.69 14.27
C LYS A 72 2.94 1.83 13.06
N HIS A 73 3.42 2.42 11.96
CA HIS A 73 2.61 2.59 10.76
C HIS A 73 2.97 1.60 9.66
N LEU A 74 3.71 0.54 9.95
CA LEU A 74 4.03 -0.50 8.98
C LEU A 74 3.41 -1.82 9.42
N VAL A 75 2.73 -2.49 8.48
CA VAL A 75 1.99 -3.70 8.80
C VAL A 75 2.93 -4.78 9.36
N LEU A 76 2.39 -5.59 10.27
CA LEU A 76 3.16 -6.66 10.89
C LEU A 76 3.02 -7.93 10.06
N ASN A 77 4.14 -8.52 9.68
CA ASN A 77 4.15 -9.85 9.06
C ASN A 77 4.61 -10.86 10.10
N TYR A 78 3.79 -11.87 10.32
CA TYR A 78 4.13 -12.92 11.28
C TYR A 78 5.15 -13.90 10.73
N GLY A 79 5.14 -14.12 9.43
CA GLY A 79 6.03 -15.10 8.83
C GLY A 79 5.49 -15.60 7.51
N VAL A 80 5.97 -16.76 7.10
CA VAL A 80 5.60 -17.34 5.82
C VAL A 80 5.31 -18.81 6.03
N CYS A 81 4.47 -19.36 5.16
CA CYS A 81 4.27 -20.80 5.09
C CYS A 81 4.70 -21.26 3.70
N VAL A 82 5.73 -22.08 3.64
CA VAL A 82 6.21 -22.59 2.36
C VAL A 82 6.21 -24.11 2.41
N CYS A 83 5.32 -24.69 3.21
CA CYS A 83 5.10 -26.12 3.21
C CYS A 83 4.58 -26.57 1.85
N GLY A 84 5.02 -27.74 1.41
CA GLY A 84 4.46 -28.29 0.19
C GLY A 84 4.69 -27.35 -0.97
N ASP A 85 3.64 -27.13 -1.77
CA ASP A 85 3.72 -26.27 -2.95
C ASP A 85 3.17 -24.87 -2.70
N GLU A 86 3.00 -24.48 -1.44
CA GLU A 86 2.41 -23.20 -1.10
C GLU A 86 3.48 -22.11 -0.94
N ASN A 87 3.13 -20.90 -1.33
CA ASN A 87 3.90 -19.70 -0.98
C ASN A 87 2.91 -18.73 -0.33
N ILE A 88 2.96 -18.62 0.99
CA ILE A 88 1.94 -17.91 1.75
C ILE A 88 2.60 -16.90 2.67
N LEU A 89 2.16 -15.65 2.60
CA LEU A 89 2.54 -14.64 3.57
C LEU A 89 1.47 -14.58 4.66
N VAL A 90 1.90 -14.67 5.91
CA VAL A 90 1.02 -14.64 7.07
C VAL A 90 1.17 -13.29 7.74
N GLN A 91 0.11 -12.49 7.71
CA GLN A 91 0.14 -11.09 8.11
C GLN A 91 -0.92 -10.82 9.17
N GLU A 92 -0.71 -9.80 10.00
CA GLU A 92 -1.73 -9.40 10.95
C GLU A 92 -3.04 -9.12 10.23
N PHE A 93 -4.15 -9.42 10.89
CA PHE A 93 -5.46 -9.16 10.32
C PHE A 93 -5.94 -7.80 10.83
N VAL A 94 -6.19 -6.88 9.91
CA VAL A 94 -6.58 -5.52 10.25
C VAL A 94 -8.09 -5.43 10.18
N LYS A 95 -8.71 -4.92 11.25
CA LYS A 95 -10.16 -5.04 11.41
C LYS A 95 -10.92 -4.41 10.25
N PHE A 96 -10.49 -3.24 9.77
CA PHE A 96 -11.33 -2.48 8.85
C PHE A 96 -10.87 -2.54 7.41
N GLY A 97 -9.86 -3.37 7.11
CA GLY A 97 -9.42 -3.61 5.74
C GLY A 97 -8.80 -2.40 5.05
N SER A 98 -8.84 -2.47 3.72
CA SER A 98 -8.16 -1.54 2.83
C SER A 98 -8.83 -0.17 2.80
N LEU A 99 -7.99 0.88 2.66
CA LEU A 99 -8.51 2.24 2.73
C LEU A 99 -9.38 2.56 1.53
N ASP A 100 -9.05 2.03 0.35
CA ASP A 100 -9.82 2.42 -0.82
C ASP A 100 -11.28 1.97 -0.69
N THR A 101 -11.53 0.77 -0.19
CA THR A 101 -12.92 0.37 -0.01
C THR A 101 -13.57 1.17 1.11
N TYR A 102 -12.81 1.46 2.16
CA TYR A 102 -13.33 2.21 3.29
C TYR A 102 -13.72 3.62 2.89
N LEU A 103 -12.91 4.26 2.04
CA LEU A 103 -13.20 5.62 1.59
C LEU A 103 -14.50 5.67 0.80
N LYS A 104 -14.76 4.63 0.01
CA LYS A 104 -15.99 4.61 -0.78
C LYS A 104 -17.19 4.32 0.09
N LYS A 105 -17.07 3.36 1.02
CA LYS A 105 -18.20 2.99 1.85
C LYS A 105 -18.60 4.13 2.80
N ASN A 106 -17.65 4.98 3.18
CA ASN A 106 -17.89 6.01 4.17
C ASN A 106 -17.66 7.41 3.62
N LYS A 107 -17.76 7.57 2.29
CA LYS A 107 -17.47 8.85 1.64
C LYS A 107 -18.22 10.00 2.30
N ASN A 108 -19.52 9.81 2.55
CA ASN A 108 -20.34 10.87 3.15
C ASN A 108 -19.99 11.14 4.61
N CYS A 109 -19.11 10.35 5.23
CA CYS A 109 -18.80 10.51 6.65
C CYS A 109 -17.33 10.84 6.89
N ILE A 110 -16.58 11.20 5.85
CA ILE A 110 -15.15 11.45 5.96
C ILE A 110 -14.90 12.90 5.55
N ASN A 111 -14.36 13.70 6.47
CA ASN A 111 -14.15 15.13 6.20
C ASN A 111 -12.67 15.42 5.99
N ILE A 112 -12.36 16.70 5.82
CA ILE A 112 -11.00 17.09 5.47
C ILE A 112 -10.04 16.77 6.61
N LEU A 113 -10.49 16.90 7.86
CA LEU A 113 -9.63 16.61 8.99
C LEU A 113 -9.25 15.13 9.06
N TRP A 114 -10.20 14.25 8.72
CA TRP A 114 -9.90 12.83 8.64
C TRP A 114 -8.87 12.56 7.54
N LYS A 115 -9.07 13.14 6.36
CA LYS A 115 -8.13 12.94 5.26
C LYS A 115 -6.75 13.47 5.61
N LEU A 116 -6.70 14.62 6.30
CA LEU A 116 -5.41 15.19 6.64
C LEU A 116 -4.66 14.32 7.64
N GLU A 117 -5.38 13.75 8.60
CA GLU A 117 -4.74 12.89 9.60
C GLU A 117 -4.18 11.64 8.93
N VAL A 118 -4.95 11.03 8.02
CA VAL A 118 -4.48 9.84 7.33
C VAL A 118 -3.29 10.18 6.44
N ALA A 119 -3.35 11.33 5.75
CA ALA A 119 -2.22 11.75 4.92
C ALA A 119 -0.96 11.94 5.76
N LYS A 120 -1.11 12.56 6.94
CA LYS A 120 0.03 12.76 7.84
C LYS A 120 0.63 11.43 8.27
N GLN A 121 -0.22 10.46 8.60
CA GLN A 121 0.26 9.17 9.05
C GLN A 121 0.97 8.44 7.92
N LEU A 122 0.41 8.46 6.71
CA LEU A 122 1.09 7.83 5.60
C LEU A 122 2.42 8.51 5.33
N ALA A 123 2.45 9.86 5.37
CA ALA A 123 3.70 10.58 5.20
C ALA A 123 4.72 10.19 6.27
N ALA A 124 4.26 9.98 7.51
CA ALA A 124 5.20 9.59 8.56
C ALA A 124 5.83 8.24 8.25
N ALA A 125 5.02 7.28 7.79
CA ALA A 125 5.55 5.97 7.39
C ALA A 125 6.56 6.11 6.25
N MET A 126 6.24 6.92 5.24
CA MET A 126 7.13 7.09 4.10
C MET A 126 8.40 7.83 4.48
N HIS A 127 8.31 8.78 5.41
CA HIS A 127 9.50 9.46 5.92
C HIS A 127 10.43 8.46 6.61
N PHE A 128 9.86 7.56 7.40
CA PHE A 128 10.63 6.51 8.04
C PHE A 128 11.34 5.64 7.02
N LEU A 129 10.61 5.22 5.97
CA LEU A 129 11.22 4.45 4.90
C LEU A 129 12.33 5.24 4.22
N GLU A 130 12.06 6.53 3.91
CA GLU A 130 13.04 7.34 3.19
C GLU A 130 14.30 7.51 4.03
N GLU A 131 14.14 7.74 5.34
CA GLU A 131 15.31 7.86 6.21
C GLU A 131 16.11 6.57 6.24
N ASN A 132 15.45 5.42 6.08
CA ASN A 132 16.13 4.14 5.98
C ASN A 132 16.48 3.75 4.55
N THR A 133 16.34 4.67 3.60
CA THR A 133 16.56 4.43 2.18
C THR A 133 15.98 3.09 1.72
N LEU A 134 14.74 2.83 2.13
CA LEU A 134 14.04 1.61 1.74
C LEU A 134 12.87 1.99 0.83
N ILE A 135 12.93 1.51 -0.41
CA ILE A 135 11.87 1.75 -1.39
C ILE A 135 10.70 0.82 -1.09
N HIS A 136 9.49 1.36 -1.14
CA HIS A 136 8.29 0.53 -1.02
C HIS A 136 7.90 -0.01 -2.39
N GLY A 137 7.64 0.89 -3.34
CA GLY A 137 7.44 0.50 -4.72
C GLY A 137 6.00 0.32 -5.14
N ASN A 138 5.06 0.29 -4.19
CA ASN A 138 3.64 0.17 -4.57
C ASN A 138 2.75 0.87 -3.54
N VAL A 139 2.96 2.17 -3.34
CA VAL A 139 2.10 2.97 -2.47
C VAL A 139 0.78 3.24 -3.17
N CYS A 140 -0.32 2.79 -2.55
CA CYS A 140 -1.65 3.03 -3.07
C CYS A 140 -2.67 2.80 -1.96
N ALA A 141 -3.88 3.31 -2.18
CA ALA A 141 -4.90 3.22 -1.13
C ALA A 141 -5.25 1.78 -0.82
N LYS A 142 -5.22 0.88 -1.82
CA LYS A 142 -5.45 -0.54 -1.55
C LYS A 142 -4.41 -1.12 -0.61
N ASN A 143 -3.21 -0.53 -0.54
CA ASN A 143 -2.17 -1.03 0.35
C ASN A 143 -2.07 -0.23 1.64
N ILE A 144 -3.09 0.56 1.97
CA ILE A 144 -3.21 1.20 3.28
C ILE A 144 -4.34 0.51 4.03
N LEU A 145 -4.07 0.11 5.27
CA LEU A 145 -5.01 -0.63 6.08
C LEU A 145 -5.46 0.22 7.24
N LEU A 146 -6.76 0.19 7.53
CA LEU A 146 -7.35 1.00 8.60
C LEU A 146 -7.42 0.16 9.86
N ILE A 147 -6.52 0.44 10.80
CA ILE A 147 -6.45 -0.26 12.07
C ILE A 147 -7.62 0.14 12.98
N ARG A 148 -7.92 1.42 13.03
CA ARG A 148 -8.84 2.01 14.00
C ARG A 148 -9.64 3.11 13.34
N GLU A 149 -10.96 3.09 13.52
CA GLU A 149 -11.79 4.18 13.04
C GLU A 149 -11.64 5.40 13.92
N GLU A 150 -11.90 6.56 13.32
CA GLU A 150 -12.02 7.79 14.09
C GLU A 150 -13.15 7.67 15.09
N ASP A 151 -12.93 8.21 16.29
CA ASP A 151 -13.93 8.22 17.36
C ASP A 151 -13.97 9.64 17.89
N ARG A 152 -14.87 10.46 17.34
CA ARG A 152 -14.98 11.85 17.78
C ARG A 152 -15.33 11.94 19.26
N LYS A 153 -16.19 11.04 19.74
CA LYS A 153 -16.65 11.11 21.12
C LYS A 153 -15.49 11.03 22.12
N THR A 154 -14.41 10.33 21.75
CA THR A 154 -13.23 10.24 22.61
C THR A 154 -12.01 10.92 22.02
N GLY A 155 -12.17 11.70 20.95
CA GLY A 155 -11.07 12.41 20.34
C GLY A 155 -10.09 11.56 19.56
N ASN A 156 -10.31 10.25 19.45
CA ASN A 156 -9.37 9.36 18.78
C ASN A 156 -9.37 9.59 17.28
N PRO A 157 -8.23 9.88 16.66
CA PRO A 157 -8.18 9.95 15.19
C PRO A 157 -8.20 8.56 14.59
N PRO A 158 -8.45 8.42 13.29
CA PRO A 158 -8.22 7.13 12.64
C PRO A 158 -6.74 6.78 12.71
N PHE A 159 -6.43 5.50 12.52
CA PHE A 159 -5.05 5.04 12.57
C PHE A 159 -4.84 4.02 11.45
N ILE A 160 -3.82 4.26 10.61
CA ILE A 160 -3.58 3.43 9.43
C ILE A 160 -2.20 2.77 9.51
N LYS A 161 -2.04 1.73 8.68
CA LYS A 161 -0.72 1.14 8.44
C LYS A 161 -0.52 0.95 6.95
N LEU A 162 0.71 1.15 6.49
CA LEU A 162 1.09 0.81 5.13
C LEU A 162 1.39 -0.68 5.02
N SER A 163 0.77 -1.34 4.07
CA SER A 163 0.96 -2.78 3.91
C SER A 163 2.09 -3.06 2.92
N ASP A 164 2.31 -4.37 2.59
CA ASP A 164 3.45 -4.75 1.76
C ASP A 164 3.18 -4.46 0.29
N PRO A 165 4.22 -4.25 -0.52
CA PRO A 165 4.01 -3.84 -1.92
C PRO A 165 3.62 -4.95 -2.88
N GLY A 166 3.73 -6.21 -2.47
CA GLY A 166 3.51 -7.28 -3.42
C GLY A 166 4.70 -7.42 -4.37
N ILE A 167 4.51 -8.27 -5.38
CA ILE A 167 5.57 -8.51 -6.35
C ILE A 167 6.03 -7.18 -6.94
N SER A 168 7.35 -7.01 -7.06
CA SER A 168 7.93 -5.74 -7.47
C SER A 168 7.59 -5.41 -8.92
N ILE A 169 7.37 -4.12 -9.20
CA ILE A 169 7.19 -3.68 -10.58
C ILE A 169 8.44 -3.94 -11.43
N THR A 170 9.60 -4.16 -10.79
CA THR A 170 10.78 -4.45 -11.60
C THR A 170 10.73 -5.82 -12.27
N VAL A 171 9.79 -6.69 -11.90
CA VAL A 171 9.69 -8.01 -12.53
C VAL A 171 8.32 -8.26 -13.15
N LEU A 172 7.37 -7.33 -13.03
CA LEU A 172 6.03 -7.60 -13.53
C LEU A 172 5.95 -7.35 -15.03
N PRO A 173 5.04 -8.05 -15.72
CA PRO A 173 4.84 -7.81 -17.15
C PRO A 173 4.49 -6.36 -17.44
N LYS A 174 4.93 -5.87 -18.60
CA LYS A 174 4.70 -4.47 -18.95
C LYS A 174 3.22 -4.10 -19.00
N ASP A 175 2.35 -5.02 -19.42
CA ASP A 175 0.93 -4.69 -19.48
C ASP A 175 0.36 -4.40 -18.09
N ILE A 176 0.87 -5.07 -17.06
CA ILE A 176 0.38 -4.80 -15.71
C ILE A 176 0.86 -3.43 -15.23
N LEU A 177 2.12 -3.10 -15.50
CA LEU A 177 2.62 -1.77 -15.15
C LEU A 177 1.81 -0.68 -15.84
N GLN A 178 1.42 -0.89 -17.09
CA GLN A 178 0.65 0.13 -17.79
C GLN A 178 -0.73 0.28 -17.16
N GLU A 179 -1.36 -0.82 -16.76
CA GLU A 179 -2.64 -0.75 -16.06
C GLU A 179 -2.51 -0.02 -14.73
N ARG A 180 -1.32 0.04 -14.15
CA ARG A 180 -1.10 0.68 -12.86
C ARG A 180 -0.75 2.16 -12.99
N ILE A 181 -0.73 2.69 -14.20
CA ILE A 181 -0.72 4.16 -14.33
C ILE A 181 -2.01 4.69 -13.73
N PRO A 182 -1.99 5.77 -12.92
CA PRO A 182 -0.89 6.68 -12.57
C PRO A 182 -0.22 6.47 -11.20
N TRP A 183 -0.26 5.25 -10.67
CA TRP A 183 0.52 4.95 -9.47
C TRP A 183 1.99 4.70 -9.82
N VAL A 184 2.23 3.98 -10.91
CA VAL A 184 3.58 3.72 -11.39
C VAL A 184 4.06 5.00 -12.06
N PRO A 185 5.19 5.56 -11.66
CA PRO A 185 5.61 6.87 -12.18
C PRO A 185 6.08 6.77 -13.62
N PRO A 186 6.11 7.91 -14.33
CA PRO A 186 6.51 7.89 -15.75
C PRO A 186 7.88 7.31 -16.00
N GLU A 187 8.86 7.59 -15.15
CA GLU A 187 10.20 7.04 -15.38
C GLU A 187 10.22 5.53 -15.26
N CYS A 188 9.28 4.95 -14.52
CA CYS A 188 9.24 3.51 -14.39
C CYS A 188 8.48 2.84 -15.52
N ILE A 189 7.51 3.54 -16.11
CA ILE A 189 6.95 3.09 -17.38
C ILE A 189 8.04 3.09 -18.45
N GLU A 190 8.85 4.15 -18.47
CA GLU A 190 9.97 4.21 -19.42
C GLU A 190 10.97 3.09 -19.17
N ASN A 191 11.31 2.86 -17.92
CA ASN A 191 12.23 1.77 -17.56
C ASN A 191 11.95 1.30 -16.14
N PRO A 192 11.36 0.12 -15.96
CA PRO A 192 11.05 -0.33 -14.59
C PRO A 192 12.27 -0.42 -13.70
N LYS A 193 13.47 -0.44 -14.26
CA LYS A 193 14.68 -0.41 -13.45
C LYS A 193 14.97 0.97 -12.87
N ASN A 194 14.20 1.99 -13.24
CA ASN A 194 14.32 3.32 -12.63
C ASN A 194 13.67 3.39 -11.25
N LEU A 195 13.20 2.27 -10.72
CA LEU A 195 12.59 2.26 -9.39
C LEU A 195 13.58 2.79 -8.37
N ASN A 196 13.18 3.82 -7.62
CA ASN A 196 14.05 4.49 -6.67
C ASN A 196 13.19 5.16 -5.60
N LEU A 197 13.83 5.82 -4.64
CA LEU A 197 13.04 6.49 -3.60
C LEU A 197 12.08 7.49 -4.19
N ALA A 198 12.51 8.22 -5.24
CA ALA A 198 11.63 9.19 -5.88
C ALA A 198 10.36 8.54 -6.43
N THR A 199 10.40 7.24 -6.75
CA THR A 199 9.20 6.54 -7.18
C THR A 199 8.09 6.67 -6.16
N ASP A 200 8.42 6.47 -4.87
CA ASP A 200 7.39 6.45 -3.83
C ASP A 200 6.78 7.83 -3.62
N LYS A 201 7.53 8.90 -3.93
CA LYS A 201 6.95 10.23 -3.81
C LYS A 201 5.84 10.44 -4.83
N TRP A 202 6.05 9.99 -6.07
CA TRP A 202 4.99 10.09 -7.07
C TRP A 202 3.75 9.29 -6.65
N SER A 203 3.95 8.02 -6.30
CA SER A 203 2.82 7.18 -5.92
C SER A 203 2.10 7.72 -4.69
N PHE A 204 2.85 8.31 -3.75
CA PHE A 204 2.23 8.93 -2.60
C PHE A 204 1.26 10.02 -3.03
N GLY A 205 1.65 10.83 -4.03
CA GLY A 205 0.73 11.83 -4.56
C GLY A 205 -0.52 11.21 -5.14
N THR A 206 -0.36 10.12 -5.91
CA THR A 206 -1.53 9.43 -6.46
C THR A 206 -2.41 8.91 -5.34
N THR A 207 -1.77 8.45 -4.26
CA THR A 207 -2.51 7.92 -3.13
C THR A 207 -3.28 9.03 -2.41
N LEU A 208 -2.67 10.20 -2.24
CA LEU A 208 -3.41 11.34 -1.68
C LEU A 208 -4.62 11.65 -2.54
N TRP A 209 -4.48 11.56 -3.86
CA TRP A 209 -5.62 11.80 -4.73
C TRP A 209 -6.74 10.80 -4.42
N GLU A 210 -6.40 9.54 -4.24
CA GLU A 210 -7.41 8.55 -3.85
C GLU A 210 -8.10 8.94 -2.55
N ILE A 211 -7.31 9.28 -1.54
CA ILE A 211 -7.83 9.64 -0.22
C ILE A 211 -8.82 10.80 -0.33
N CYS A 212 -8.57 11.72 -1.25
CA CYS A 212 -9.42 12.88 -1.42
C CYS A 212 -10.58 12.65 -2.36
N SER A 213 -10.64 11.49 -3.03
CA SER A 213 -11.62 11.25 -4.08
C SER A 213 -12.60 10.15 -3.71
N GLY A 214 -12.79 9.90 -2.42
CA GLY A 214 -13.76 8.91 -1.97
C GLY A 214 -13.52 7.52 -2.52
N GLY A 215 -12.27 7.14 -2.76
CA GLY A 215 -12.00 5.83 -3.29
C GLY A 215 -12.16 5.67 -4.80
N ASP A 216 -12.45 6.76 -5.52
CA ASP A 216 -12.35 6.74 -6.96
C ASP A 216 -10.95 6.36 -7.39
N LYS A 217 -10.83 5.75 -8.56
CA LYS A 217 -9.52 5.39 -9.08
C LYS A 217 -9.14 6.39 -10.16
N PRO A 218 -8.02 7.10 -10.04
CA PRO A 218 -7.68 8.11 -11.06
C PRO A 218 -7.43 7.47 -12.41
N LEU A 219 -7.95 8.11 -13.46
CA LEU A 219 -7.80 7.68 -14.84
C LEU A 219 -8.45 6.32 -15.10
N SER A 220 -9.39 5.87 -14.27
CA SER A 220 -9.95 4.54 -14.48
C SER A 220 -10.66 4.43 -15.82
N ALA A 221 -11.17 5.54 -16.35
CA ALA A 221 -11.85 5.54 -17.65
C ALA A 221 -10.90 5.42 -18.83
N LEU A 222 -9.59 5.54 -18.62
CA LEU A 222 -8.62 5.42 -19.70
C LEU A 222 -8.12 4.00 -19.80
N ASP A 223 -8.11 3.45 -21.02
CA ASP A 223 -7.47 2.16 -21.23
C ASP A 223 -5.95 2.33 -21.20
N SER A 224 -5.24 1.20 -21.25
CA SER A 224 -3.78 1.24 -21.10
C SER A 224 -3.11 2.11 -22.16
N GLN A 225 -3.62 2.06 -23.40
CA GLN A 225 -3.04 2.90 -24.44
C GLN A 225 -3.19 4.38 -24.09
N ARG A 226 -4.38 4.78 -23.64
CA ARG A 226 -4.57 6.18 -23.30
C ARG A 226 -3.85 6.56 -22.01
N LYS A 227 -3.66 5.63 -21.08
CA LYS A 227 -2.86 5.92 -19.89
C LYS A 227 -1.42 6.22 -20.27
N LEU A 228 -0.87 5.47 -21.23
CA LEU A 228 0.46 5.76 -21.75
C LEU A 228 0.53 7.16 -22.34
N GLN A 229 -0.45 7.53 -23.15
CA GLN A 229 -0.42 8.86 -23.80
C GLN A 229 -0.63 9.99 -22.78
N PHE A 230 -1.37 9.71 -21.70
CA PHE A 230 -1.47 10.66 -20.60
C PHE A 230 -0.08 11.08 -20.10
N TYR A 231 0.81 10.10 -19.94
CA TYR A 231 2.18 10.42 -19.54
C TYR A 231 2.97 11.08 -20.66
N GLU A 232 2.78 10.64 -21.91
CA GLU A 232 3.54 11.25 -23.00
C GLU A 232 3.18 12.71 -23.18
N ASP A 233 1.91 13.05 -22.98
CA ASP A 233 1.46 14.43 -23.00
C ASP A 233 1.70 15.19 -21.70
N ARG A 234 2.28 14.52 -20.68
CA ARG A 234 2.67 15.17 -19.43
C ARG A 234 1.49 15.83 -18.73
N HIS A 235 0.35 15.13 -18.70
CA HIS A 235 -0.81 15.62 -17.98
C HIS A 235 -0.65 15.38 -16.47
N GLN A 236 -1.39 16.16 -15.69
CA GLN A 236 -1.52 15.95 -14.25
C GLN A 236 -2.93 15.48 -13.95
N LEU A 237 -3.14 14.99 -12.73
CA LEU A 237 -4.48 14.56 -12.38
C LEU A 237 -5.37 15.76 -12.11
N PRO A 238 -6.68 15.63 -12.33
CA PRO A 238 -7.60 16.72 -11.96
C PRO A 238 -7.60 16.90 -10.45
N ALA A 239 -7.83 18.13 -10.02
CA ALA A 239 -7.97 18.39 -8.59
C ALA A 239 -9.22 17.66 -8.09
N PRO A 240 -9.14 16.94 -6.98
CA PRO A 240 -10.37 16.38 -6.38
C PRO A 240 -11.33 17.50 -6.00
N LYS A 241 -12.64 17.16 -5.98
CA LYS A 241 -13.66 18.15 -5.64
C LYS A 241 -13.32 18.87 -4.35
N ALA A 242 -13.00 18.11 -3.30
CA ALA A 242 -12.38 18.67 -2.10
C ALA A 242 -10.90 18.80 -2.40
N ALA A 243 -10.46 20.02 -2.76
CA ALA A 243 -9.17 20.22 -3.41
C ALA A 243 -8.07 20.65 -2.44
N GLU A 244 -8.27 20.47 -1.13
CA GLU A 244 -7.36 21.00 -0.12
C GLU A 244 -5.94 20.48 -0.31
N LEU A 245 -5.78 19.26 -0.82
CA LEU A 245 -4.48 18.65 -0.98
C LEU A 245 -4.00 18.66 -2.42
N ALA A 246 -4.68 19.39 -3.31
CA ALA A 246 -4.40 19.25 -4.74
C ALA A 246 -3.01 19.75 -5.09
N ASN A 247 -2.58 20.86 -4.48
CA ASN A 247 -1.24 21.35 -4.77
C ASN A 247 -0.19 20.34 -4.33
N LEU A 248 -0.38 19.73 -3.16
CA LEU A 248 0.58 18.74 -2.69
C LEU A 248 0.59 17.52 -3.60
N ILE A 249 -0.59 17.10 -4.07
CA ILE A 249 -0.66 15.98 -5.00
C ILE A 249 0.18 16.28 -6.24
N ASN A 250 -0.02 17.46 -6.82
CA ASN A 250 0.68 17.78 -8.06
C ASN A 250 2.17 17.99 -7.82
N ASN A 251 2.53 18.57 -6.67
CA ASN A 251 3.94 18.75 -6.33
C ASN A 251 4.65 17.40 -6.19
N CYS A 252 3.95 16.39 -5.65
CA CYS A 252 4.53 15.05 -5.56
C CYS A 252 4.59 14.36 -6.91
N MET A 253 3.56 14.56 -7.73
CA MET A 253 3.50 13.93 -9.05
C MET A 253 4.22 14.81 -10.07
N ASP A 254 5.51 15.01 -9.83
CA ASP A 254 6.34 15.84 -10.68
C ASP A 254 7.03 14.94 -11.70
N TYR A 255 6.93 15.30 -12.99
CA TYR A 255 7.56 14.46 -14.01
C TYR A 255 9.08 14.44 -13.91
N GLU A 256 9.68 15.40 -13.21
CA GLU A 256 11.11 15.34 -12.90
C GLU A 256 11.31 14.66 -11.54
N PRO A 257 11.80 13.42 -11.50
CA PRO A 257 11.91 12.73 -10.20
C PRO A 257 12.75 13.47 -9.18
N ASP A 258 13.82 14.14 -9.62
CA ASP A 258 14.69 14.89 -8.72
C ASP A 258 14.00 16.09 -8.08
N HIS A 259 12.91 16.57 -8.65
CA HIS A 259 12.24 17.73 -8.07
C HIS A 259 11.17 17.35 -7.06
N ARG A 260 10.89 16.06 -6.89
CA ARG A 260 9.83 15.68 -5.98
C ARG A 260 10.29 15.96 -4.55
N PRO A 261 9.43 16.50 -3.71
CA PRO A 261 9.87 16.94 -2.38
C PRO A 261 10.14 15.77 -1.44
N SER A 262 11.10 15.99 -0.53
CA SER A 262 11.37 15.04 0.54
C SER A 262 10.11 14.83 1.37
N PHE A 263 10.05 13.68 2.04
CA PHE A 263 8.90 13.48 2.91
C PHE A 263 8.94 14.41 4.11
N ARG A 264 10.12 14.86 4.52
CA ARG A 264 10.18 15.90 5.55
C ARG A 264 9.45 17.16 5.11
N ALA A 265 9.72 17.60 3.87
CA ALA A 265 9.03 18.78 3.34
C ALA A 265 7.54 18.52 3.16
N ILE A 266 7.18 17.32 2.72
CA ILE A 266 5.78 16.94 2.62
C ILE A 266 5.10 17.04 3.97
N ILE A 267 5.74 16.51 5.01
CA ILE A 267 5.12 16.57 6.33
C ILE A 267 4.97 18.03 6.77
N ARG A 268 5.96 18.87 6.48
CA ARG A 268 5.84 20.28 6.84
C ARG A 268 4.68 20.95 6.11
N ASP A 269 4.50 20.63 4.83
CA ASP A 269 3.36 21.14 4.08
C ASP A 269 2.04 20.70 4.69
N LEU A 270 1.93 19.41 5.03
CA LEU A 270 0.69 18.92 5.63
C LEU A 270 0.41 19.61 6.95
N ASN A 271 1.45 19.81 7.76
CA ASN A 271 1.26 20.45 9.05
C ASN A 271 0.82 21.90 8.91
N SER A 272 1.15 22.55 7.78
CA SER A 272 0.75 23.94 7.60
C SER A 272 -0.74 24.07 7.28
N LEU A 273 -1.39 22.99 6.85
CA LEU A 273 -2.81 23.01 6.53
C LEU A 273 -3.65 22.71 7.77
#